data_4DZH
#
_entry.id   4DZH
#
_cell.length_a   133.645
_cell.length_b   53.150
_cell.length_c   67.390
_cell.angle_alpha   90.00
_cell.angle_beta   106.54
_cell.angle_gamma   90.00
#
_symmetry.space_group_name_H-M   'C 1 2 1'
#
loop_
_entity.id
_entity.type
_entity.pdbx_description
1 polymer AMIDOHYDROLASE
2 non-polymer 'MAGNESIUM ION'
3 non-polymer GLYCEROL
4 non-polymer 'ZINC ION'
5 non-polymer 'UNKNOWN LIGAND'
6 water water
#
_entity_poly.entity_id   1
_entity_poly.type   'polypeptide(L)'
_entity_poly.pdbx_seq_one_letter_code
;MVDPLMTNAPPEPCDLLIEAGYVVPIEPHAVVLEDHAVAVSNGVIVAVLPTADARVRFAPARTVSRPDAALMPGLVNAHT
HNPMTLLRGVADDLPLMVWLQQHIWPVEAAVIGPEFVADGTTLAIAEMLRGGTTCVNENYFFADVQAAVYKQHGFRALVG
AVIIDFPTAWASSDDEYFARAGELHDQWRDDPLISTAFAPHAPYTVNDANFERVRMLADQLDMPVHLHTHETAQEVADSV
AQYGQRPLARLDRLGLVNDRLIAVHMTQLTEAEIHLCAERGVSVVHCPESNLKLASGFCPACALQRASVNLAIGTDGCAS
NNDLDMFSENRTAAILAKAVANDATALDAATTLRAATLGGARALGFGDRIGSIEVGKQADLVCVDLSALETQPLHHVLSQ
LIYAAGRHQVTDVWIAGKPKLVQRELIDMDTAALVANARQWRDRIRTVRAAENLYFQSHHHHHHWSHPQFEK
;
_entity_poly.pdbx_strand_id   A
#
loop_
_chem_comp.id
_chem_comp.type
_chem_comp.name
_chem_comp.formula
GOL non-polymer GLYCEROL 'C3 H8 O3'
MG non-polymer 'MAGNESIUM ION' 'Mg 2'
UNL non-polymer 'UNKNOWN LIGAND' ?
ZN non-polymer 'ZINC ION' 'Zn 2'
#
# COMPACT_ATOMS: atom_id res chain seq x y z
N PRO A 10 41.57 9.45 2.67
CA PRO A 10 41.15 8.06 2.49
C PRO A 10 39.64 7.86 2.63
N PRO A 11 39.02 7.23 1.61
CA PRO A 11 37.57 7.17 1.65
C PRO A 11 37.01 6.37 2.83
N GLU A 12 35.78 6.72 3.21
CA GLU A 12 35.02 6.10 4.29
C GLU A 12 34.19 4.94 3.78
N PRO A 13 34.21 3.80 4.47
CA PRO A 13 33.51 2.63 3.94
C PRO A 13 31.99 2.76 4.09
N CYS A 14 31.25 2.23 3.13
CA CYS A 14 29.82 2.02 3.29
C CYS A 14 29.50 0.78 2.45
N ASP A 15 28.32 0.20 2.63
CA ASP A 15 28.01 -1.09 2.02
C ASP A 15 27.72 -0.92 0.53
N LEU A 16 26.88 0.08 0.24
CA LEU A 16 26.36 0.26 -1.10
C LEU A 16 26.26 1.75 -1.42
N LEU A 17 26.67 2.13 -2.62
CA LEU A 17 26.43 3.46 -3.13
C LEU A 17 25.61 3.34 -4.43
N ILE A 18 24.45 3.98 -4.49
CA ILE A 18 23.63 3.95 -5.71
C ILE A 18 23.77 5.31 -6.34
N GLU A 19 24.35 5.39 -7.53
CA GLU A 19 24.42 6.66 -8.25
C GLU A 19 23.33 6.73 -9.30
N ALA A 20 22.65 7.86 -9.37
CA ALA A 20 21.55 7.99 -10.32
C ALA A 20 21.49 9.34 -11.03
N GLY A 21 20.82 9.37 -12.18
CA GLY A 21 20.61 10.63 -12.86
C GLY A 21 19.85 11.64 -12.04
N TYR A 22 18.87 11.17 -11.28
CA TYR A 22 17.98 12.03 -10.51
C TYR A 22 17.69 11.34 -9.21
N VAL A 23 17.77 12.10 -8.12
CA VAL A 23 17.29 11.59 -6.84
C VAL A 23 16.08 12.41 -6.39
N VAL A 24 14.97 11.73 -6.08
CA VAL A 24 13.76 12.40 -5.65
C VAL A 24 13.50 12.07 -4.18
N PRO A 25 13.91 12.98 -3.26
CA PRO A 25 13.91 12.61 -1.84
C PRO A 25 12.55 12.61 -1.14
N ILE A 26 11.55 13.27 -1.73
CA ILE A 26 10.19 13.46 -1.21
C ILE A 26 10.21 14.51 -0.09
N GLU A 27 11.19 14.39 0.80
CA GLU A 27 11.49 15.41 1.79
C GLU A 27 12.90 15.89 1.49
N PRO A 28 13.07 17.15 1.10
CA PRO A 28 12.07 18.22 0.92
C PRO A 28 11.12 18.09 -0.30
N HIS A 29 9.94 18.71 -0.17
CA HIS A 29 8.87 18.61 -1.14
C HIS A 29 9.22 19.28 -2.46
N ALA A 30 8.80 18.63 -3.54
CA ALA A 30 8.90 19.17 -4.90
C ALA A 30 10.31 19.42 -5.36
N VAL A 31 11.26 18.79 -4.68
CA VAL A 31 12.67 18.93 -5.03
C VAL A 31 13.22 17.73 -5.83
N VAL A 32 13.98 18.01 -6.89
CA VAL A 32 14.65 16.94 -7.61
C VAL A 32 16.18 17.17 -7.63
N LEU A 33 16.93 16.23 -7.09
CA LEU A 33 18.38 16.37 -7.02
C LEU A 33 19.03 15.73 -8.22
N GLU A 34 19.56 16.56 -9.10
CA GLU A 34 20.19 16.04 -10.29
C GLU A 34 21.60 15.49 -9.99
N ASP A 35 21.95 14.33 -10.56
CA ASP A 35 23.30 13.77 -10.44
C ASP A 35 23.74 13.58 -9.00
N HIS A 36 22.95 12.81 -8.25
CA HIS A 36 23.16 12.59 -6.82
C HIS A 36 23.25 11.10 -6.53
N ALA A 37 23.77 10.75 -5.36
CA ALA A 37 23.95 9.36 -4.96
C ALA A 37 23.44 9.15 -3.55
N VAL A 38 23.18 7.88 -3.22
CA VAL A 38 22.64 7.53 -1.91
C VAL A 38 23.50 6.44 -1.37
N ALA A 39 24.09 6.68 -0.21
CA ALA A 39 24.91 5.64 0.40
C ALA A 39 24.09 4.90 1.45
N VAL A 40 24.36 3.60 1.57
CA VAL A 40 23.57 2.72 2.42
C VAL A 40 24.51 1.80 3.17
N SER A 41 24.29 1.63 4.48
CA SER A 41 25.05 0.65 5.27
C SER A 41 24.06 -0.02 6.21
N ASN A 42 24.16 -1.34 6.35
CA ASN A 42 23.29 -2.05 7.28
C ASN A 42 21.84 -1.79 7.00
N GLY A 43 21.51 -1.67 5.69
CA GLY A 43 20.12 -1.46 5.32
C GLY A 43 19.62 -0.05 5.52
N VAL A 44 20.49 0.82 6.06
CA VAL A 44 20.04 2.17 6.42
C VAL A 44 20.66 3.22 5.51
N ILE A 45 19.91 4.26 5.17
CA ILE A 45 20.45 5.36 4.37
C ILE A 45 21.42 6.17 5.24
N VAL A 46 22.67 6.31 4.83
CA VAL A 46 23.66 7.04 5.63
C VAL A 46 24.10 8.37 4.99
N ALA A 47 23.64 8.63 3.76
CA ALA A 47 24.01 9.85 3.07
C ALA A 47 23.24 10.02 1.77
N VAL A 48 22.93 11.28 1.44
N VAL A 48 22.91 11.26 1.43
CA VAL A 48 22.32 11.68 0.16
CA VAL A 48 22.40 11.58 0.10
C VAL A 48 23.03 12.96 -0.31
C VAL A 48 23.00 12.92 -0.32
N LEU A 49 23.72 12.91 -1.45
CA LEU A 49 24.63 13.99 -1.76
C LEU A 49 25.02 13.95 -3.22
N PRO A 50 25.59 15.05 -3.75
CA PRO A 50 26.03 15.02 -5.15
C PRO A 50 26.99 13.84 -5.42
N THR A 51 26.88 13.21 -6.57
CA THR A 51 27.67 12.02 -6.86
C THR A 51 29.20 12.27 -6.83
N ALA A 52 29.61 13.46 -7.28
CA ALA A 52 31.01 13.83 -7.23
C ALA A 52 31.45 13.89 -5.77
N ASP A 53 30.63 14.52 -4.92
CA ASP A 53 30.93 14.61 -3.47
C ASP A 53 30.95 13.23 -2.84
N ALA A 54 30.09 12.33 -3.33
CA ALA A 54 30.02 11.00 -2.75
C ALA A 54 31.19 10.11 -3.11
N ARG A 55 31.72 10.28 -4.32
CA ARG A 55 32.85 9.46 -4.76
C ARG A 55 34.13 9.79 -4.02
N VAL A 56 34.21 11.00 -3.46
CA VAL A 56 35.42 11.38 -2.73
C VAL A 56 35.28 10.89 -1.30
N ARG A 57 34.05 10.89 -0.81
CA ARG A 57 33.77 10.56 0.57
C ARG A 57 33.77 9.04 0.87
N PHE A 58 33.25 8.23 -0.04
CA PHE A 58 33.02 6.83 0.27
C PHE A 58 33.86 5.82 -0.50
N ALA A 59 34.12 4.70 0.19
CA ALA A 59 34.68 3.50 -0.45
C ALA A 59 33.61 2.41 -0.33
N PRO A 60 32.62 2.44 -1.23
CA PRO A 60 31.50 1.50 -1.13
C PRO A 60 31.94 0.08 -1.41
N ALA A 61 31.42 -0.93 -0.69
CA ALA A 61 31.75 -2.32 -0.99
C ALA A 61 31.25 -2.66 -2.40
N ARG A 62 30.12 -2.06 -2.78
N ARG A 62 30.12 -2.07 -2.77
CA ARG A 62 29.55 -2.21 -4.12
CA ARG A 62 29.60 -2.19 -4.13
C ARG A 62 28.91 -0.88 -4.56
C ARG A 62 28.91 -0.88 -4.56
N THR A 63 29.01 -0.55 -5.85
CA THR A 63 28.40 0.68 -6.38
C THR A 63 27.43 0.29 -7.48
N VAL A 64 26.25 0.93 -7.50
CA VAL A 64 25.26 0.75 -8.57
C VAL A 64 25.08 2.08 -9.29
N SER A 65 25.36 2.11 -10.59
CA SER A 65 25.27 3.37 -11.28
C SER A 65 24.14 3.30 -12.30
N ARG A 66 23.22 4.25 -12.19
CA ARG A 66 22.06 4.31 -13.07
C ARG A 66 21.93 5.75 -13.52
N PRO A 67 22.81 6.17 -14.43
CA PRO A 67 22.85 7.61 -14.76
C PRO A 67 21.60 8.12 -15.50
N ASP A 68 20.77 7.22 -16.01
CA ASP A 68 19.58 7.61 -16.78
C ASP A 68 18.31 7.52 -15.93
N ALA A 69 18.47 7.16 -14.66
CA ALA A 69 17.30 6.76 -13.86
C ALA A 69 16.99 7.82 -12.83
N ALA A 70 15.73 7.87 -12.39
CA ALA A 70 15.33 8.56 -11.16
C ALA A 70 15.39 7.55 -10.03
N LEU A 71 15.93 7.94 -8.88
CA LEU A 71 15.90 7.13 -7.67
C LEU A 71 14.93 7.78 -6.70
N MET A 72 13.94 7.02 -6.24
CA MET A 72 12.90 7.51 -5.34
C MET A 72 12.63 6.42 -4.26
N PRO A 73 11.89 6.78 -3.19
CA PRO A 73 11.49 5.77 -2.20
C PRO A 73 10.54 4.78 -2.86
N GLY A 74 10.54 3.54 -2.34
CA GLY A 74 9.55 2.58 -2.80
C GLY A 74 8.15 3.11 -2.63
N LEU A 75 7.29 2.77 -3.57
CA LEU A 75 5.89 3.09 -3.43
C LEU A 75 5.24 2.24 -2.35
N VAL A 76 4.31 2.86 -1.64
CA VAL A 76 3.62 2.22 -0.53
C VAL A 76 2.17 2.04 -0.92
N ASN A 77 1.79 0.77 -1.16
CA ASN A 77 0.45 0.45 -1.58
C ASN A 77 -0.37 0.28 -0.31
N ALA A 78 -1.15 1.29 0.02
CA ALA A 78 -1.73 1.39 1.36
C ALA A 78 -3.07 0.67 1.51
N HIS A 79 -3.47 -0.17 0.54
CA HIS A 79 -4.63 -1.03 0.71
C HIS A 79 -4.64 -2.21 -0.23
N THR A 80 -4.32 -3.40 0.29
CA THR A 80 -4.30 -4.60 -0.55
C THR A 80 -5.12 -5.76 0.01
N HIS A 81 -5.57 -6.63 -0.89
CA HIS A 81 -6.10 -7.96 -0.56
C HIS A 81 -5.32 -8.89 -1.47
N ASN A 82 -4.05 -9.10 -1.15
CA ASN A 82 -3.14 -9.62 -2.18
C ASN A 82 -3.36 -11.07 -2.69
N PRO A 83 -3.92 -11.97 -1.86
CA PRO A 83 -4.23 -13.30 -2.41
C PRO A 83 -5.21 -13.22 -3.59
N MET A 84 -5.96 -12.13 -3.70
N MET A 84 -5.93 -12.11 -3.72
CA MET A 84 -6.87 -11.99 -4.83
CA MET A 84 -6.84 -11.91 -4.84
C MET A 84 -6.17 -11.77 -6.18
C MET A 84 -6.16 -11.78 -6.20
N THR A 85 -4.82 -11.72 -6.22
CA THR A 85 -4.15 -11.79 -7.52
C THR A 85 -4.57 -13.08 -8.22
N LEU A 86 -4.80 -14.14 -7.45
CA LEU A 86 -5.30 -15.40 -8.05
C LEU A 86 -6.72 -15.31 -8.62
N LEU A 87 -7.45 -14.23 -8.32
CA LEU A 87 -8.80 -14.03 -8.84
C LEU A 87 -8.81 -12.90 -9.92
N ARG A 88 -7.66 -12.64 -10.52
CA ARG A 88 -7.54 -11.55 -11.49
C ARG A 88 -8.55 -11.67 -12.61
N GLY A 89 -9.47 -10.69 -12.72
CA GLY A 89 -10.47 -10.67 -13.78
C GLY A 89 -11.47 -11.81 -13.70
N VAL A 90 -11.70 -12.35 -12.50
CA VAL A 90 -12.57 -13.54 -12.38
C VAL A 90 -14.03 -13.15 -12.61
N ALA A 91 -14.36 -11.88 -12.36
CA ALA A 91 -15.77 -11.48 -12.47
C ALA A 91 -15.99 -10.00 -12.77
N ASP A 92 -15.70 -9.60 -14.00
CA ASP A 92 -15.71 -8.20 -14.36
C ASP A 92 -17.09 -7.73 -14.84
N ASP A 93 -17.33 -6.42 -14.76
CA ASP A 93 -18.45 -5.77 -15.45
C ASP A 93 -19.81 -6.20 -14.90
N LEU A 94 -19.86 -6.43 -13.59
CA LEU A 94 -21.05 -6.93 -12.90
C LEU A 94 -21.26 -5.96 -11.75
N PRO A 95 -22.52 -5.70 -11.38
CA PRO A 95 -22.78 -4.83 -10.22
C PRO A 95 -22.27 -5.42 -8.88
N LEU A 96 -21.96 -4.56 -7.92
CA LEU A 96 -21.30 -4.95 -6.67
C LEU A 96 -21.88 -6.21 -5.98
N MET A 97 -23.19 -6.24 -5.75
CA MET A 97 -23.78 -7.39 -5.05
C MET A 97 -23.77 -8.69 -5.87
N VAL A 98 -23.80 -8.60 -7.20
CA VAL A 98 -23.70 -9.81 -8.02
C VAL A 98 -22.24 -10.31 -8.03
N TRP A 99 -21.33 -9.35 -8.18
CA TRP A 99 -19.89 -9.57 -8.10
C TRP A 99 -19.56 -10.32 -6.82
N LEU A 100 -20.01 -9.78 -5.69
CA LEU A 100 -19.70 -10.38 -4.39
C LEU A 100 -20.42 -11.71 -4.17
N GLN A 101 -21.75 -11.65 -4.15
CA GLN A 101 -22.55 -12.78 -3.72
C GLN A 101 -22.45 -13.98 -4.65
N GLN A 102 -22.33 -13.73 -5.94
CA GLN A 102 -22.46 -14.81 -6.90
C GLN A 102 -21.11 -15.22 -7.47
N HIS A 103 -20.08 -14.45 -7.15
CA HIS A 103 -18.76 -14.75 -7.67
C HIS A 103 -17.64 -14.71 -6.61
N ILE A 104 -17.40 -13.55 -6.01
CA ILE A 104 -16.26 -13.42 -5.10
C ILE A 104 -16.38 -14.28 -3.82
N TRP A 105 -17.45 -14.07 -3.05
CA TRP A 105 -17.63 -14.87 -1.82
C TRP A 105 -17.67 -16.39 -2.08
N PRO A 106 -18.47 -16.86 -3.06
CA PRO A 106 -18.46 -18.32 -3.26
C PRO A 106 -17.11 -18.88 -3.73
N VAL A 107 -16.37 -18.14 -4.54
CA VAL A 107 -15.04 -18.62 -4.90
C VAL A 107 -14.11 -18.62 -3.69
N GLU A 108 -14.10 -17.52 -2.94
CA GLU A 108 -13.27 -17.44 -1.72
C GLU A 108 -13.61 -18.56 -0.74
N ALA A 109 -14.90 -18.83 -0.58
CA ALA A 109 -15.36 -19.87 0.32
C ALA A 109 -14.76 -21.21 -0.10
N ALA A 110 -14.64 -21.40 -1.40
CA ALA A 110 -14.20 -22.67 -1.94
C ALA A 110 -12.69 -22.83 -1.86
N VAL A 111 -11.95 -21.71 -1.92
CA VAL A 111 -10.49 -21.78 -2.08
C VAL A 111 -9.67 -21.21 -0.92
N ILE A 112 -10.26 -20.39 -0.06
CA ILE A 112 -9.46 -19.76 1.00
C ILE A 112 -8.85 -20.82 1.96
N GLY A 113 -7.56 -20.65 2.22
CA GLY A 113 -6.83 -21.51 3.15
C GLY A 113 -5.37 -21.10 3.07
N PRO A 114 -4.50 -21.79 3.82
CA PRO A 114 -3.12 -21.29 3.83
C PRO A 114 -2.38 -21.36 2.51
N GLU A 115 -2.65 -22.37 1.68
N GLU A 115 -2.65 -22.36 1.69
CA GLU A 115 -1.96 -22.49 0.40
CA GLU A 115 -1.93 -22.48 0.43
C GLU A 115 -2.36 -21.38 -0.54
C GLU A 115 -2.35 -21.40 -0.57
N PHE A 116 -3.66 -21.15 -0.63
CA PHE A 116 -4.18 -20.10 -1.51
C PHE A 116 -3.60 -18.74 -1.10
N VAL A 117 -3.62 -18.48 0.20
CA VAL A 117 -3.13 -17.21 0.67
C VAL A 117 -1.63 -17.08 0.45
N ALA A 118 -0.87 -18.14 0.69
CA ALA A 118 0.55 -18.05 0.45
C ALA A 118 0.88 -17.84 -1.04
N ASP A 119 0.21 -18.58 -1.93
CA ASP A 119 0.54 -18.51 -3.35
C ASP A 119 0.13 -17.12 -3.90
N GLY A 120 -1.06 -16.65 -3.52
CA GLY A 120 -1.56 -15.38 -4.02
C GLY A 120 -0.71 -14.21 -3.52
N THR A 121 -0.30 -14.27 -2.26
CA THR A 121 0.58 -13.25 -1.71
C THR A 121 1.92 -13.23 -2.41
N THR A 122 2.46 -14.43 -2.68
CA THR A 122 3.73 -14.54 -3.34
C THR A 122 3.68 -13.99 -4.77
N LEU A 123 2.62 -14.35 -5.51
CA LEU A 123 2.37 -13.76 -6.80
C LEU A 123 2.33 -12.21 -6.74
N ALA A 124 1.62 -11.68 -5.73
CA ALA A 124 1.55 -10.23 -5.55
C ALA A 124 2.91 -9.59 -5.28
N ILE A 125 3.73 -10.28 -4.48
CA ILE A 125 5.05 -9.73 -4.16
C ILE A 125 5.88 -9.57 -5.45
N ALA A 126 5.83 -10.57 -6.34
CA ALA A 126 6.53 -10.43 -7.62
C ALA A 126 5.98 -9.23 -8.44
N GLU A 127 4.64 -9.13 -8.53
CA GLU A 127 4.04 -8.04 -9.28
C GLU A 127 4.37 -6.68 -8.69
N MET A 128 4.39 -6.62 -7.34
CA MET A 128 4.65 -5.36 -6.66
C MET A 128 6.08 -4.94 -6.88
N LEU A 129 7.02 -5.87 -6.72
CA LEU A 129 8.45 -5.53 -6.90
C LEU A 129 8.74 -5.07 -8.33
N ARG A 130 8.13 -5.75 -9.29
CA ARG A 130 8.38 -5.45 -10.71
C ARG A 130 7.86 -4.04 -11.08
N GLY A 131 6.95 -3.54 -10.22
CA GLY A 131 6.36 -2.24 -10.42
C GLY A 131 6.76 -1.20 -9.41
N GLY A 132 7.82 -1.50 -8.65
CA GLY A 132 8.37 -0.50 -7.74
C GLY A 132 7.58 -0.26 -6.45
N THR A 133 6.71 -1.19 -6.07
CA THR A 133 6.05 -1.11 -4.76
C THR A 133 6.85 -1.95 -3.78
N THR A 134 7.14 -1.38 -2.59
CA THR A 134 8.03 -2.02 -1.61
C THR A 134 7.39 -2.27 -0.23
N CYS A 135 6.16 -1.82 -0.08
CA CYS A 135 5.44 -1.94 1.21
C CYS A 135 3.93 -2.02 0.94
N VAL A 136 3.23 -2.82 1.77
CA VAL A 136 1.78 -2.92 1.64
C VAL A 136 1.13 -2.78 2.98
N ASN A 137 -0.15 -2.41 2.90
CA ASN A 137 -1.06 -2.43 4.05
C ASN A 137 -2.05 -3.54 3.71
N GLU A 138 -1.74 -4.75 4.19
CA GLU A 138 -2.44 -5.96 3.80
C GLU A 138 -3.70 -6.20 4.64
N ASN A 139 -4.75 -6.72 3.97
CA ASN A 139 -6.02 -6.92 4.68
C ASN A 139 -6.63 -8.24 4.17
N TYR A 140 -6.28 -9.37 4.80
CA TYR A 140 -6.81 -10.66 4.34
C TYR A 140 -6.80 -11.72 5.45
N PHE A 141 -7.59 -12.78 5.20
CA PHE A 141 -7.64 -13.96 6.05
C PHE A 141 -6.27 -14.61 6.03
N PHE A 142 -5.99 -15.40 7.06
CA PHE A 142 -4.69 -16.08 7.13
C PHE A 142 -3.52 -15.10 7.14
N ALA A 143 -3.70 -14.04 7.93
CA ALA A 143 -2.66 -13.03 8.13
C ALA A 143 -1.38 -13.65 8.64
N ASP A 144 -1.48 -14.77 9.39
CA ASP A 144 -0.28 -15.43 9.91
C ASP A 144 0.61 -15.90 8.76
N VAL A 145 0.00 -16.51 7.74
CA VAL A 145 0.72 -16.98 6.58
C VAL A 145 1.27 -15.78 5.80
N GLN A 146 0.47 -14.73 5.67
CA GLN A 146 0.94 -13.56 4.93
C GLN A 146 2.17 -12.93 5.55
N ALA A 147 2.15 -12.74 6.86
CA ALA A 147 3.29 -12.15 7.56
C ALA A 147 4.55 -12.98 7.31
N ALA A 148 4.40 -14.29 7.40
CA ALA A 148 5.54 -15.19 7.17
C ALA A 148 6.05 -15.06 5.75
N VAL A 149 5.10 -15.04 4.78
CA VAL A 149 5.46 -14.91 3.36
C VAL A 149 6.16 -13.60 3.06
N TYR A 150 5.60 -12.49 3.53
CA TYR A 150 6.28 -11.20 3.34
C TYR A 150 7.70 -11.22 3.98
N LYS A 151 7.81 -11.73 5.20
CA LYS A 151 9.08 -11.75 5.94
C LYS A 151 10.07 -12.59 5.14
N GLN A 152 9.65 -13.76 4.68
CA GLN A 152 10.57 -14.65 3.93
C GLN A 152 11.13 -13.96 2.66
N HIS A 153 10.32 -13.11 2.03
CA HIS A 153 10.75 -12.44 0.82
C HIS A 153 11.42 -11.10 1.09
N GLY A 154 11.57 -10.75 2.35
CA GLY A 154 12.10 -9.46 2.67
C GLY A 154 11.28 -8.25 2.26
N PHE A 155 9.94 -8.37 2.32
CA PHE A 155 9.07 -7.36 1.79
C PHE A 155 8.33 -6.70 2.95
N ARG A 156 8.24 -5.36 2.95
CA ARG A 156 7.71 -4.66 4.11
C ARG A 156 6.17 -4.67 4.14
N ALA A 157 5.60 -4.87 5.32
CA ALA A 157 4.14 -4.90 5.38
C ALA A 157 3.61 -4.54 6.73
N LEU A 158 2.48 -3.84 6.69
CA LEU A 158 1.58 -3.74 7.87
C LEU A 158 0.50 -4.76 7.59
N VAL A 159 0.42 -5.80 8.42
CA VAL A 159 -0.45 -6.96 8.13
C VAL A 159 -1.64 -6.92 9.04
N GLY A 160 -2.82 -6.92 8.44
CA GLY A 160 -4.01 -6.81 9.27
C GLY A 160 -4.63 -8.13 9.69
N ALA A 161 -5.10 -8.16 10.93
CA ALA A 161 -5.83 -9.30 11.46
C ALA A 161 -7.32 -9.00 11.26
N VAL A 162 -7.95 -9.74 10.35
CA VAL A 162 -9.37 -9.51 10.06
C VAL A 162 -10.27 -9.74 11.28
N ILE A 163 -11.20 -8.81 11.51
CA ILE A 163 -12.24 -9.00 12.50
C ILE A 163 -13.59 -8.87 11.76
N ILE A 164 -14.48 -9.85 11.89
CA ILE A 164 -15.76 -9.80 11.19
C ILE A 164 -16.75 -10.65 12.00
N ASP A 165 -18.04 -10.35 11.87
CA ASP A 165 -19.04 -11.03 12.71
C ASP A 165 -19.34 -12.43 12.21
N PHE A 166 -18.86 -12.81 11.04
CA PHE A 166 -19.28 -14.06 10.38
C PHE A 166 -18.17 -15.11 10.34
N PRO A 167 -18.54 -16.39 10.44
CA PRO A 167 -17.52 -17.43 10.45
C PRO A 167 -16.94 -17.68 9.08
N THR A 168 -15.65 -18.00 9.07
CA THR A 168 -14.92 -18.31 7.83
C THR A 168 -13.91 -19.38 8.22
N ALA A 169 -13.14 -19.83 7.24
CA ALA A 169 -12.11 -20.83 7.47
C ALA A 169 -11.06 -20.30 8.44
N TRP A 170 -10.86 -18.99 8.42
CA TRP A 170 -9.91 -18.36 9.34
C TRP A 170 -10.30 -18.44 10.82
N ALA A 171 -11.58 -18.20 11.12
CA ALA A 171 -12.03 -18.17 12.50
C ALA A 171 -13.56 -18.29 12.49
N SER A 172 -14.08 -19.07 13.43
CA SER A 172 -15.52 -19.31 13.41
C SER A 172 -16.31 -18.53 14.49
N SER A 173 -15.58 -17.84 15.37
CA SER A 173 -16.21 -17.10 16.46
C SER A 173 -15.47 -15.81 16.74
N ASP A 174 -16.14 -14.87 17.40
CA ASP A 174 -15.49 -13.62 17.83
C ASP A 174 -14.20 -13.93 18.59
N ASP A 175 -14.27 -14.82 19.58
CA ASP A 175 -13.09 -15.15 20.36
C ASP A 175 -11.95 -15.65 19.50
N GLU A 176 -12.27 -16.45 18.47
CA GLU A 176 -11.21 -16.97 17.61
C GLU A 176 -10.60 -15.85 16.76
N TYR A 177 -11.41 -14.92 16.26
CA TYR A 177 -10.83 -13.85 15.44
C TYR A 177 -9.87 -13.03 16.30
N PHE A 178 -10.28 -12.72 17.51
CA PHE A 178 -9.40 -11.93 18.37
C PHE A 178 -8.20 -12.75 18.88
N ALA A 179 -8.35 -14.07 19.07
CA ALA A 179 -7.22 -14.91 19.52
C ALA A 179 -6.15 -14.91 18.42
N ARG A 180 -6.58 -15.17 17.17
CA ARG A 180 -5.66 -15.01 16.03
C ARG A 180 -4.99 -13.64 15.96
N ALA A 181 -5.76 -12.55 16.12
CA ALA A 181 -5.17 -11.22 16.09
C ALA A 181 -4.09 -11.09 17.15
N GLY A 182 -4.39 -11.54 18.36
CA GLY A 182 -3.41 -11.45 19.43
C GLY A 182 -2.17 -12.28 19.15
N GLU A 183 -2.37 -13.45 18.55
CA GLU A 183 -1.23 -14.30 18.21
C GLU A 183 -0.35 -13.61 17.16
N LEU A 184 -0.99 -12.94 16.21
CA LEU A 184 -0.26 -12.28 15.14
C LEU A 184 0.59 -11.17 15.72
N HIS A 185 0.00 -10.35 16.57
CA HIS A 185 0.74 -9.27 17.20
C HIS A 185 1.94 -9.76 18.03
N ASP A 186 1.74 -10.79 18.85
CA ASP A 186 2.81 -11.34 19.70
C ASP A 186 3.96 -11.92 18.84
N GLN A 187 3.64 -12.60 17.75
CA GLN A 187 4.65 -13.22 16.88
C GLN A 187 5.56 -12.17 16.24
N TRP A 188 4.97 -11.02 15.94
CA TRP A 188 5.66 -10.00 15.12
C TRP A 188 6.02 -8.73 15.88
N ARG A 189 5.92 -8.74 17.22
CA ARG A 189 6.32 -7.54 17.95
C ARG A 189 7.82 -7.22 17.69
N ASP A 190 8.09 -5.95 17.45
CA ASP A 190 9.44 -5.47 17.22
C ASP A 190 10.16 -6.08 16.03
N ASP A 191 9.42 -6.58 15.02
CA ASP A 191 10.11 -7.03 13.82
C ASP A 191 10.37 -5.81 12.95
N PRO A 192 11.56 -5.73 12.33
CA PRO A 192 11.88 -4.54 11.54
C PRO A 192 11.13 -4.41 10.19
N LEU A 193 10.65 -5.53 9.66
CA LEU A 193 9.94 -5.55 8.38
C LEU A 193 8.41 -5.61 8.51
N ILE A 194 7.91 -6.39 9.47
CA ILE A 194 6.49 -6.69 9.62
C ILE A 194 5.95 -6.07 10.89
N SER A 195 4.87 -5.30 10.71
CA SER A 195 4.07 -4.83 11.83
C SER A 195 2.62 -5.30 11.65
N THR A 196 1.83 -5.16 12.71
CA THR A 196 0.49 -5.72 12.68
C THR A 196 -0.57 -4.67 12.98
N ALA A 197 -1.77 -4.90 12.45
CA ALA A 197 -2.88 -3.96 12.68
C ALA A 197 -4.15 -4.76 12.87
N PHE A 198 -5.17 -4.15 13.47
CA PHE A 198 -6.50 -4.73 13.42
C PHE A 198 -7.15 -4.33 12.11
N ALA A 199 -7.88 -5.27 11.51
CA ALA A 199 -8.60 -5.00 10.28
C ALA A 199 -10.08 -5.39 10.41
N PRO A 200 -10.84 -4.63 11.20
CA PRO A 200 -12.28 -4.89 11.12
C PRO A 200 -12.76 -4.67 9.68
N HIS A 201 -13.61 -5.56 9.20
CA HIS A 201 -13.89 -5.59 7.77
C HIS A 201 -14.59 -4.32 7.24
N ALA A 202 -15.75 -3.99 7.82
CA ALA A 202 -16.54 -2.86 7.37
C ALA A 202 -17.55 -2.53 8.48
N PRO A 203 -18.12 -1.31 8.46
CA PRO A 203 -19.08 -0.98 9.53
C PRO A 203 -20.29 -1.92 9.53
N TYR A 204 -20.67 -2.43 8.36
CA TYR A 204 -21.87 -3.29 8.21
C TYR A 204 -21.60 -4.77 8.50
N THR A 205 -20.36 -5.14 8.76
CA THR A 205 -20.05 -6.55 9.05
C THR A 205 -19.42 -6.71 10.40
N VAL A 206 -19.31 -5.62 11.15
CA VAL A 206 -18.66 -5.65 12.44
C VAL A 206 -19.61 -5.01 13.45
N ASN A 207 -20.03 -5.78 14.45
CA ASN A 207 -21.01 -5.24 15.40
C ASN A 207 -20.37 -4.29 16.45
N ASP A 208 -21.20 -3.58 17.21
CA ASP A 208 -20.69 -2.62 18.18
C ASP A 208 -19.71 -3.23 19.21
N ALA A 209 -20.03 -4.44 19.70
CA ALA A 209 -19.20 -5.12 20.69
C ALA A 209 -17.81 -5.47 20.12
N ASN A 210 -17.78 -5.96 18.89
CA ASN A 210 -16.51 -6.23 18.22
C ASN A 210 -15.70 -4.95 17.97
N PHE A 211 -16.39 -3.86 17.66
CA PHE A 211 -15.70 -2.58 17.44
C PHE A 211 -15.14 -2.09 18.77
N GLU A 212 -15.89 -2.29 19.84
CA GLU A 212 -15.41 -1.89 21.15
C GLU A 212 -14.14 -2.68 21.50
N ARG A 213 -14.12 -3.96 21.15
CA ARG A 213 -13.01 -4.82 21.50
C ARG A 213 -11.77 -4.42 20.68
N VAL A 214 -11.99 -4.04 19.42
CA VAL A 214 -10.88 -3.55 18.61
C VAL A 214 -10.32 -2.25 19.21
N ARG A 215 -11.20 -1.35 19.65
CA ARG A 215 -10.70 -0.09 20.20
C ARG A 215 -9.81 -0.35 21.43
N MET A 216 -10.28 -1.21 22.32
N MET A 216 -10.27 -1.22 22.32
CA MET A 216 -9.54 -1.51 23.54
CA MET A 216 -9.55 -1.53 23.56
C MET A 216 -8.20 -2.18 23.28
C MET A 216 -8.19 -2.19 23.28
N LEU A 217 -8.20 -3.20 22.42
CA LEU A 217 -6.98 -3.94 22.10
C LEU A 217 -6.01 -3.14 21.24
N ALA A 218 -6.52 -2.30 20.35
CA ALA A 218 -5.61 -1.47 19.54
C ALA A 218 -4.83 -0.47 20.44
N ASP A 219 -5.48 0.09 21.46
CA ASP A 219 -4.76 0.93 22.42
C ASP A 219 -3.82 0.08 23.30
N GLN A 220 -4.33 -1.02 23.84
CA GLN A 220 -3.51 -1.91 24.67
C GLN A 220 -2.25 -2.47 24.00
N LEU A 221 -2.38 -2.88 22.74
CA LEU A 221 -1.28 -3.55 22.05
C LEU A 221 -0.53 -2.61 21.13
N ASP A 222 -1.02 -1.36 21.05
CA ASP A 222 -0.39 -0.34 20.20
C ASP A 222 -0.38 -0.75 18.71
N MET A 223 -1.59 -0.86 18.16
CA MET A 223 -1.80 -1.25 16.76
C MET A 223 -2.72 -0.26 16.02
N PRO A 224 -2.47 -0.02 14.72
CA PRO A 224 -3.42 0.76 13.92
C PRO A 224 -4.72 -0.02 13.67
N VAL A 225 -5.76 0.67 13.20
CA VAL A 225 -7.05 0.07 12.86
C VAL A 225 -7.32 0.32 11.37
N HIS A 226 -7.38 -0.75 10.56
CA HIS A 226 -7.48 -0.63 9.08
C HIS A 226 -8.91 -0.99 8.65
N LEU A 227 -9.69 0.00 8.21
CA LEU A 227 -11.14 -0.18 8.04
C LEU A 227 -11.70 0.37 6.74
N HIS A 228 -12.33 -0.47 5.94
CA HIS A 228 -13.15 0.04 4.83
C HIS A 228 -14.23 0.97 5.37
N THR A 229 -14.24 2.23 4.94
CA THR A 229 -15.16 3.22 5.55
C THR A 229 -15.84 4.10 4.50
N HIS A 230 -17.18 4.17 4.51
CA HIS A 230 -17.90 5.05 3.58
C HIS A 230 -17.55 4.80 2.10
N GLU A 231 -17.44 3.52 1.77
CA GLU A 231 -17.10 3.12 0.44
C GLU A 231 -18.25 3.33 -0.56
N THR A 232 -19.51 3.21 -0.07
CA THR A 232 -20.63 3.27 -1.00
C THR A 232 -21.79 4.06 -0.40
N ALA A 233 -22.60 4.65 -1.27
CA ALA A 233 -23.89 5.23 -0.91
C ALA A 233 -24.74 4.25 -0.12
N GLN A 234 -24.79 2.99 -0.56
CA GLN A 234 -25.69 2.01 0.07
C GLN A 234 -25.24 1.71 1.51
N GLU A 235 -23.93 1.69 1.75
CA GLU A 235 -23.37 1.56 3.10
C GLU A 235 -23.84 2.68 4.05
N VAL A 236 -23.76 3.92 3.56
CA VAL A 236 -24.20 5.05 4.37
C VAL A 236 -25.72 4.95 4.64
N ALA A 237 -26.49 4.60 3.62
CA ALA A 237 -27.96 4.54 3.81
C ALA A 237 -28.36 3.38 4.75
N ASP A 238 -27.74 2.22 4.56
CA ASP A 238 -28.06 1.06 5.38
C ASP A 238 -27.74 1.38 6.85
N SER A 239 -26.65 2.13 7.05
CA SER A 239 -26.26 2.55 8.40
C SER A 239 -27.30 3.46 9.05
N VAL A 240 -27.79 4.43 8.30
CA VAL A 240 -28.89 5.29 8.76
C VAL A 240 -30.11 4.45 9.15
N ALA A 241 -30.41 3.41 8.36
CA ALA A 241 -31.57 2.57 8.67
C ALA A 241 -31.41 1.80 9.97
N GLN A 242 -30.20 1.28 10.17
CA GLN A 242 -29.93 0.36 11.27
C GLN A 242 -29.55 1.07 12.57
N TYR A 243 -28.85 2.19 12.46
CA TYR A 243 -28.22 2.82 13.62
C TYR A 243 -28.67 4.26 13.81
N GLY A 244 -29.40 4.78 12.84
CA GLY A 244 -29.90 6.15 12.89
C GLY A 244 -28.85 7.21 12.61
N GLN A 245 -27.69 6.77 12.12
CA GLN A 245 -26.46 7.58 12.07
C GLN A 245 -25.63 7.19 10.83
N ARG A 246 -24.92 8.14 10.22
CA ARG A 246 -23.92 7.81 9.19
C ARG A 246 -22.83 6.94 9.85
N PRO A 247 -22.11 6.12 9.06
CA PRO A 247 -21.13 5.23 9.72
C PRO A 247 -20.03 6.01 10.47
N LEU A 248 -19.53 7.11 9.91
CA LEU A 248 -18.48 7.84 10.62
C LEU A 248 -18.99 8.36 11.98
N ALA A 249 -20.27 8.75 12.05
CA ALA A 249 -20.87 9.18 13.32
C ALA A 249 -20.90 8.03 14.35
N ARG A 250 -21.33 6.86 13.90
CA ARG A 250 -21.31 5.67 14.74
C ARG A 250 -19.89 5.26 15.19
N LEU A 251 -18.92 5.25 14.27
CA LEU A 251 -17.55 4.94 14.64
C LEU A 251 -16.98 5.97 15.62
N ASP A 252 -17.40 7.22 15.44
CA ASP A 252 -16.98 8.30 16.35
C ASP A 252 -17.49 8.03 17.77
N ARG A 253 -18.76 7.66 17.89
CA ARG A 253 -19.32 7.35 19.20
C ARG A 253 -18.70 6.06 19.77
N LEU A 254 -18.27 5.13 18.91
CA LEU A 254 -17.61 3.92 19.37
C LEU A 254 -16.14 4.16 19.77
N GLY A 255 -15.64 5.37 19.49
CA GLY A 255 -14.27 5.74 19.83
C GLY A 255 -13.22 5.29 18.82
N LEU A 256 -13.62 5.12 17.56
N LEU A 256 -13.63 5.11 17.56
CA LEU A 256 -12.68 4.62 16.56
CA LEU A 256 -12.69 4.62 16.55
C LEU A 256 -12.12 5.66 15.59
C LEU A 256 -12.14 5.66 15.59
N VAL A 257 -12.58 6.90 15.71
CA VAL A 257 -12.07 7.97 14.87
C VAL A 257 -10.95 8.73 15.60
N ASN A 258 -9.69 8.41 15.29
CA ASN A 258 -8.56 8.92 16.07
C ASN A 258 -7.26 8.72 15.27
N ASP A 259 -6.10 8.95 15.90
CA ASP A 259 -4.82 8.83 15.17
C ASP A 259 -4.35 7.38 14.96
N ARG A 260 -5.23 6.42 15.19
CA ARG A 260 -4.95 5.02 14.83
C ARG A 260 -5.71 4.57 13.58
N LEU A 261 -6.67 5.35 13.13
CA LEU A 261 -7.59 4.91 12.08
C LEU A 261 -7.05 5.12 10.68
N ILE A 262 -7.00 4.03 9.91
CA ILE A 262 -6.72 4.09 8.49
C ILE A 262 -8.04 3.85 7.77
N ALA A 263 -8.65 4.90 7.22
CA ALA A 263 -9.99 4.80 6.66
C ALA A 263 -9.90 4.63 5.16
N VAL A 264 -10.33 3.49 4.67
CA VAL A 264 -10.16 3.17 3.24
C VAL A 264 -11.39 3.50 2.41
N HIS A 265 -11.15 4.13 1.27
CA HIS A 265 -12.16 4.44 0.23
C HIS A 265 -12.76 5.81 0.41
N MET A 266 -13.63 5.91 1.41
CA MET A 266 -14.12 7.21 1.84
C MET A 266 -14.67 8.02 0.65
N THR A 267 -15.53 7.40 -0.18
CA THR A 267 -16.13 8.06 -1.36
C THR A 267 -17.33 8.92 -1.00
N GLN A 268 -18.04 8.51 0.03
CA GLN A 268 -19.24 9.22 0.46
C GLN A 268 -18.88 10.11 1.67
N LEU A 269 -18.60 11.41 1.48
CA LEU A 269 -18.07 12.28 2.58
C LEU A 269 -18.59 13.75 2.71
N THR A 270 -18.70 14.28 3.95
CA THR A 270 -18.96 15.71 4.17
C THR A 270 -17.74 16.53 4.62
N GLU A 271 -17.90 17.86 4.69
CA GLU A 271 -16.79 18.73 5.15
C GLU A 271 -16.45 18.54 6.62
N ALA A 272 -17.50 18.55 7.46
CA ALA A 272 -17.41 18.16 8.86
C ALA A 272 -16.50 16.95 9.02
N GLU A 273 -16.78 15.92 8.22
CA GLU A 273 -16.00 14.69 8.25
C GLU A 273 -14.52 14.89 7.89
N ILE A 274 -14.27 15.75 6.90
CA ILE A 274 -12.91 16.07 6.50
C ILE A 274 -12.11 16.67 7.63
N HIS A 275 -12.66 17.72 8.22
CA HIS A 275 -12.04 18.36 9.39
C HIS A 275 -12.03 17.46 10.61
N LEU A 276 -13.04 16.60 10.74
CA LEU A 276 -12.98 15.54 11.76
C LEU A 276 -11.72 14.71 11.62
N CYS A 277 -11.43 14.27 10.39
CA CYS A 277 -10.28 13.43 10.11
C CYS A 277 -9.00 14.21 10.39
N ALA A 278 -8.94 15.44 9.91
CA ALA A 278 -7.80 16.31 10.18
C ALA A 278 -7.52 16.50 11.69
N GLU A 279 -8.55 16.84 12.46
CA GLU A 279 -8.39 17.08 13.91
C GLU A 279 -7.92 15.85 14.70
N ARG A 280 -8.36 14.67 14.28
CA ARG A 280 -8.11 13.44 15.03
C ARG A 280 -6.93 12.62 14.54
N GLY A 281 -6.32 13.04 13.43
CA GLY A 281 -5.15 12.36 12.91
C GLY A 281 -5.47 11.11 12.09
N VAL A 282 -6.64 11.12 11.45
CA VAL A 282 -7.05 9.96 10.69
C VAL A 282 -6.34 9.98 9.34
N SER A 283 -5.91 8.80 8.86
CA SER A 283 -5.44 8.71 7.46
C SER A 283 -6.53 8.17 6.54
N VAL A 284 -6.60 8.71 5.33
CA VAL A 284 -7.52 8.20 4.31
C VAL A 284 -6.67 7.50 3.24
N VAL A 285 -7.04 6.27 2.91
CA VAL A 285 -6.46 5.62 1.71
C VAL A 285 -7.41 5.70 0.53
N HIS A 286 -6.93 6.33 -0.55
CA HIS A 286 -7.67 6.50 -1.78
C HIS A 286 -7.33 5.39 -2.77
N CYS A 287 -8.36 4.70 -3.23
CA CYS A 287 -8.28 3.58 -4.19
C CYS A 287 -9.14 3.95 -5.41
N PRO A 288 -8.66 4.88 -6.23
CA PRO A 288 -9.54 5.40 -7.29
C PRO A 288 -9.97 4.37 -8.34
N GLU A 289 -9.05 3.49 -8.78
CA GLU A 289 -9.43 2.60 -9.86
C GLU A 289 -10.52 1.62 -9.43
N SER A 290 -10.39 1.06 -8.22
CA SER A 290 -11.41 0.19 -7.68
C SER A 290 -12.73 0.94 -7.54
N ASN A 291 -12.65 2.18 -7.01
CA ASN A 291 -13.87 2.98 -6.79
C ASN A 291 -14.58 3.23 -8.15
N LEU A 292 -13.81 3.55 -9.20
CA LEU A 292 -14.44 3.84 -10.46
C LEU A 292 -15.04 2.55 -11.02
N LYS A 293 -14.25 1.45 -10.97
CA LYS A 293 -14.67 0.21 -11.62
C LYS A 293 -15.91 -0.38 -10.94
N LEU A 294 -16.06 -0.20 -9.63
CA LEU A 294 -17.20 -0.76 -8.90
C LEU A 294 -18.34 0.25 -8.84
N ALA A 295 -18.12 1.41 -9.44
CA ALA A 295 -19.08 2.54 -9.35
C ALA A 295 -19.34 2.89 -7.89
N SER A 296 -18.29 2.92 -7.09
CA SER A 296 -18.45 3.28 -5.69
C SER A 296 -18.60 4.76 -5.45
N GLY A 297 -18.05 5.57 -6.37
CA GLY A 297 -18.10 7.00 -6.16
C GLY A 297 -16.78 7.71 -6.27
N PHE A 298 -16.73 8.92 -5.68
CA PHE A 298 -15.67 9.90 -5.93
C PHE A 298 -15.14 10.50 -4.64
N CYS A 299 -14.15 9.83 -4.07
CA CYS A 299 -13.42 10.37 -2.94
C CYS A 299 -12.89 11.74 -3.24
N PRO A 300 -13.14 12.68 -2.32
CA PRO A 300 -12.72 14.09 -2.50
C PRO A 300 -11.28 14.27 -2.11
N ALA A 301 -10.40 13.64 -2.91
CA ALA A 301 -9.00 13.62 -2.55
C ALA A 301 -8.38 14.98 -2.42
N CYS A 302 -8.73 15.90 -3.33
CA CYS A 302 -8.18 17.23 -3.25
C CYS A 302 -8.66 17.92 -1.95
N ALA A 303 -9.95 17.75 -1.64
CA ALA A 303 -10.48 18.38 -0.42
C ALA A 303 -9.76 17.88 0.83
N LEU A 304 -9.51 16.57 0.88
CA LEU A 304 -8.88 15.97 2.03
C LEU A 304 -7.46 16.43 2.13
N GLN A 305 -6.76 16.47 0.99
CA GLN A 305 -5.35 16.83 1.04
C GLN A 305 -5.22 18.31 1.52
N ARG A 306 -6.05 19.19 0.98
CA ARG A 306 -5.89 20.60 1.35
C ARG A 306 -6.38 20.87 2.77
N ALA A 307 -7.14 19.93 3.34
CA ALA A 307 -7.56 20.10 4.72
C ALA A 307 -6.56 19.46 5.67
N SER A 308 -5.42 19.06 5.10
CA SER A 308 -4.33 18.45 5.84
C SER A 308 -4.66 17.06 6.38
N VAL A 309 -5.58 16.36 5.72
CA VAL A 309 -5.80 14.97 6.08
C VAL A 309 -4.72 14.12 5.44
N ASN A 310 -3.96 13.38 6.24
CA ASN A 310 -2.94 12.50 5.66
C ASN A 310 -3.55 11.54 4.61
N LEU A 311 -3.11 11.65 3.36
CA LEU A 311 -3.69 10.90 2.25
C LEU A 311 -2.68 9.89 1.70
N ALA A 312 -3.14 8.63 1.58
CA ALA A 312 -2.36 7.58 0.93
C ALA A 312 -3.11 7.00 -0.26
N ILE A 313 -2.42 6.13 -1.02
CA ILE A 313 -2.98 5.56 -2.23
C ILE A 313 -2.82 4.04 -2.15
N GLY A 314 -3.87 3.34 -2.55
CA GLY A 314 -3.84 1.88 -2.59
C GLY A 314 -4.57 1.37 -3.83
N THR A 315 -4.38 0.10 -4.15
CA THR A 315 -4.94 -0.48 -5.38
C THR A 315 -6.23 -1.30 -5.12
N ASP A 316 -6.45 -1.77 -3.88
CA ASP A 316 -7.46 -2.77 -3.58
C ASP A 316 -7.03 -4.06 -4.26
N GLY A 317 -7.94 -4.98 -4.52
CA GLY A 317 -7.57 -6.31 -5.01
C GLY A 317 -7.70 -6.46 -6.52
N CYS A 318 -7.12 -7.54 -7.06
CA CYS A 318 -7.06 -7.76 -8.49
C CYS A 318 -8.36 -8.28 -9.11
N ALA A 319 -9.41 -8.42 -8.32
CA ALA A 319 -10.72 -8.69 -8.94
C ALA A 319 -11.48 -7.38 -9.13
N SER A 320 -10.93 -6.28 -8.64
CA SER A 320 -11.54 -4.95 -8.91
C SER A 320 -10.48 -3.87 -9.15
N ASN A 321 -9.61 -4.16 -10.11
CA ASN A 321 -8.63 -3.15 -10.53
C ASN A 321 -8.25 -3.22 -12.00
N ASN A 322 -7.63 -4.28 -12.53
CA ASN A 322 -7.36 -5.59 -11.89
C ASN A 322 -5.86 -5.82 -11.73
N ASP A 323 -5.08 -4.73 -11.63
CA ASP A 323 -3.63 -4.91 -11.40
C ASP A 323 -3.20 -4.28 -10.09
N LEU A 324 -1.91 -4.46 -9.75
CA LEU A 324 -1.33 -3.86 -8.52
C LEU A 324 -0.39 -2.73 -8.94
N ASP A 325 -0.75 -2.02 -9.99
CA ASP A 325 0.14 -1.05 -10.61
C ASP A 325 -0.01 0.29 -9.91
N MET A 326 0.93 0.61 -9.02
CA MET A 326 0.83 1.91 -8.32
C MET A 326 1.19 3.07 -9.21
N PHE A 327 1.98 2.88 -10.29
CA PHE A 327 2.22 4.01 -11.19
C PHE A 327 0.91 4.45 -11.82
N SER A 328 0.11 3.48 -12.26
CA SER A 328 -1.22 3.76 -12.78
C SER A 328 -2.14 4.33 -11.74
N GLU A 329 -2.17 3.71 -10.55
CA GLU A 329 -3.04 4.18 -9.49
C GLU A 329 -2.78 5.68 -9.18
N ASN A 330 -1.48 6.05 -9.15
CA ASN A 330 -1.09 7.43 -8.88
C ASN A 330 -1.60 8.34 -9.95
N ARG A 331 -1.38 7.96 -11.23
CA ARG A 331 -1.89 8.79 -12.33
C ARG A 331 -3.42 8.94 -12.25
N THR A 332 -4.13 7.83 -11.98
CA THR A 332 -5.59 7.91 -11.91
C THR A 332 -6.00 8.85 -10.77
N ALA A 333 -5.33 8.72 -9.62
CA ALA A 333 -5.61 9.59 -8.45
C ALA A 333 -5.40 11.04 -8.87
N ALA A 334 -4.28 11.31 -9.52
CA ALA A 334 -3.97 12.69 -9.82
C ALA A 334 -4.94 13.30 -10.81
N ILE A 335 -5.34 12.56 -11.85
CA ILE A 335 -6.20 13.17 -12.90
C ILE A 335 -7.65 13.19 -12.44
N LEU A 336 -8.08 12.13 -11.73
CA LEU A 336 -9.44 12.12 -11.21
C LEU A 336 -9.60 13.25 -10.22
N ALA A 337 -8.58 13.55 -9.44
CA ALA A 337 -8.75 14.55 -8.38
C ALA A 337 -9.11 15.91 -8.98
N LYS A 338 -8.53 16.22 -10.14
CA LYS A 338 -8.75 17.50 -10.81
C LYS A 338 -10.19 17.59 -11.31
N ALA A 339 -10.72 16.50 -11.85
CA ALA A 339 -12.02 16.51 -12.49
C ALA A 339 -13.09 16.58 -11.39
N VAL A 340 -12.90 15.77 -10.35
CA VAL A 340 -13.83 15.76 -9.20
C VAL A 340 -13.89 17.13 -8.54
N ALA A 341 -12.73 17.76 -8.34
CA ALA A 341 -12.66 19.07 -7.71
C ALA A 341 -12.94 20.23 -8.67
N ASN A 342 -13.13 19.93 -9.96
CA ASN A 342 -13.24 20.96 -11.00
C ASN A 342 -12.14 22.00 -10.85
N ASP A 343 -10.91 21.50 -10.83
CA ASP A 343 -9.75 22.30 -10.46
C ASP A 343 -8.48 21.61 -10.95
N ALA A 344 -7.90 22.16 -12.01
CA ALA A 344 -6.74 21.53 -12.64
C ALA A 344 -5.47 21.55 -11.81
N THR A 345 -5.47 22.28 -10.68
CA THR A 345 -4.29 22.34 -9.81
C THR A 345 -4.34 21.33 -8.66
N ALA A 346 -5.45 20.61 -8.55
CA ALA A 346 -5.63 19.58 -7.53
C ALA A 346 -4.58 18.47 -7.65
N LEU A 347 -4.10 17.98 -6.51
CA LEU A 347 -3.23 16.80 -6.45
C LEU A 347 -2.16 16.86 -7.54
N ASP A 348 -1.29 17.86 -7.44
CA ASP A 348 -0.24 18.00 -8.46
C ASP A 348 0.74 16.84 -8.39
N ALA A 349 1.65 16.77 -9.35
CA ALA A 349 2.49 15.59 -9.44
C ALA A 349 3.28 15.33 -8.15
N ALA A 350 3.90 16.38 -7.62
CA ALA A 350 4.68 16.26 -6.38
C ALA A 350 3.82 15.76 -5.20
N THR A 351 2.63 16.33 -5.07
CA THR A 351 1.67 15.97 -4.02
C THR A 351 1.19 14.55 -4.16
N THR A 352 0.94 14.13 -5.40
CA THR A 352 0.50 12.75 -5.62
C THR A 352 1.64 11.78 -5.28
N LEU A 353 2.86 12.06 -5.75
CA LEU A 353 3.99 11.22 -5.43
C LEU A 353 4.23 11.17 -3.90
N ARG A 354 3.99 12.30 -3.24
CA ARG A 354 4.11 12.34 -1.78
C ARG A 354 3.13 11.35 -1.13
N ALA A 355 1.88 11.37 -1.57
CA ALA A 355 0.86 10.45 -1.07
C ALA A 355 1.28 8.99 -1.28
N ALA A 356 1.82 8.70 -2.47
CA ALA A 356 2.24 7.35 -2.81
C ALA A 356 3.43 6.81 -2.01
N THR A 357 4.15 7.69 -1.29
CA THR A 357 5.34 7.25 -0.58
C THR A 357 5.19 7.61 0.89
N LEU A 358 5.51 8.87 1.22
CA LEU A 358 5.45 9.36 2.59
C LEU A 358 4.02 9.33 3.16
N GLY A 359 2.99 9.64 2.36
CA GLY A 359 1.61 9.56 2.85
C GLY A 359 1.25 8.13 3.27
N GLY A 360 1.61 7.17 2.44
CA GLY A 360 1.40 5.78 2.80
C GLY A 360 2.23 5.37 4.00
N ALA A 361 3.49 5.79 4.05
CA ALA A 361 4.39 5.50 5.17
C ALA A 361 3.70 5.93 6.47
N ARG A 362 3.23 7.17 6.48
CA ARG A 362 2.56 7.73 7.66
C ARG A 362 1.26 7.03 8.01
N ALA A 363 0.50 6.63 6.99
CA ALA A 363 -0.77 5.93 7.24
C ALA A 363 -0.54 4.60 7.94
N LEU A 364 0.59 3.95 7.67
CA LEU A 364 0.84 2.62 8.20
C LEU A 364 1.65 2.69 9.50
N GLY A 365 2.01 3.91 9.92
CA GLY A 365 2.84 4.07 11.11
C GLY A 365 4.32 3.84 10.89
N PHE A 366 4.73 3.91 9.63
CA PHE A 366 6.12 3.68 9.23
C PHE A 366 6.80 5.00 8.80
N GLY A 367 6.15 6.11 9.06
CA GLY A 367 6.61 7.42 8.61
C GLY A 367 8.03 7.76 9.05
N ASP A 368 8.45 7.24 10.21
CA ASP A 368 9.79 7.53 10.67
C ASP A 368 10.85 6.65 10.04
N ARG A 369 10.42 5.60 9.35
N ARG A 369 10.41 5.59 9.36
CA ARG A 369 11.35 4.60 8.83
CA ARG A 369 11.37 4.61 8.84
C ARG A 369 11.44 4.54 7.31
C ARG A 369 11.44 4.54 7.31
N ILE A 370 10.34 4.87 6.63
CA ILE A 370 10.33 4.84 5.15
C ILE A 370 9.62 6.06 4.56
N GLY A 371 9.60 6.16 3.23
CA GLY A 371 8.75 7.15 2.58
C GLY A 371 9.48 8.37 2.05
N SER A 372 10.74 8.55 2.47
CA SER A 372 11.56 9.63 1.94
C SER A 372 13.02 9.20 1.98
N ILE A 373 13.85 9.87 1.18
CA ILE A 373 15.27 9.54 1.14
C ILE A 373 15.97 10.52 2.05
N GLU A 374 16.04 10.13 3.32
CA GLU A 374 16.64 10.97 4.37
C GLU A 374 17.55 10.06 5.18
N VAL A 375 18.69 10.60 5.63
CA VAL A 375 19.61 9.84 6.46
C VAL A 375 18.88 9.25 7.67
N GLY A 376 19.11 7.97 7.91
CA GLY A 376 18.53 7.28 9.05
C GLY A 376 17.34 6.43 8.75
N LYS A 377 16.73 6.68 7.59
CA LYS A 377 15.61 5.86 7.19
C LYS A 377 16.09 4.58 6.51
N GLN A 378 15.19 3.61 6.44
CA GLN A 378 15.48 2.35 5.76
C GLN A 378 15.64 2.55 4.26
N ALA A 379 16.55 1.78 3.68
CA ALA A 379 16.87 1.91 2.26
C ALA A 379 15.87 1.12 1.41
N ASP A 380 14.63 1.57 1.41
CA ASP A 380 13.59 1.08 0.49
C ASP A 380 13.55 2.06 -0.70
N LEU A 381 14.12 1.63 -1.81
CA LEU A 381 14.45 2.54 -2.93
C LEU A 381 14.12 1.89 -4.24
N VAL A 382 13.81 2.74 -5.21
CA VAL A 382 13.47 2.29 -6.58
C VAL A 382 14.17 3.19 -7.61
N CYS A 383 14.74 2.53 -8.63
CA CYS A 383 15.28 3.20 -9.82
C CYS A 383 14.25 3.07 -10.93
N VAL A 384 13.88 4.21 -11.50
CA VAL A 384 12.94 4.23 -12.65
C VAL A 384 13.77 4.71 -13.84
N ASP A 385 13.91 3.87 -14.87
CA ASP A 385 14.58 4.31 -16.12
C ASP A 385 13.77 5.42 -16.75
N LEU A 386 14.34 6.60 -16.95
CA LEU A 386 13.65 7.72 -17.61
C LEU A 386 14.16 7.97 -19.05
N SER A 387 15.14 7.16 -19.47
CA SER A 387 15.73 7.34 -20.79
C SER A 387 14.87 6.68 -21.86
N ALA A 388 13.88 5.88 -21.46
CA ALA A 388 12.94 5.31 -22.46
C ALA A 388 12.23 6.41 -23.23
N LEU A 389 11.92 6.18 -24.50
CA LEU A 389 11.37 7.26 -25.28
C LEU A 389 9.98 7.69 -24.75
N GLU A 390 9.32 6.76 -24.08
CA GLU A 390 8.02 7.06 -23.45
C GLU A 390 8.14 8.16 -22.42
N THR A 391 9.34 8.34 -21.89
CA THR A 391 9.53 9.39 -20.91
C THR A 391 10.50 10.49 -21.39
N GLN A 392 10.54 10.68 -22.71
CA GLN A 392 11.36 11.73 -23.31
C GLN A 392 10.48 12.60 -24.21
N PRO A 393 10.80 13.90 -24.39
CA PRO A 393 11.84 14.63 -23.66
C PRO A 393 11.44 14.73 -22.20
N LEU A 394 12.44 14.93 -21.37
CA LEU A 394 12.23 15.03 -19.93
C LEU A 394 12.21 16.51 -19.53
N HIS A 395 11.06 17.14 -19.62
CA HIS A 395 10.91 18.53 -19.19
C HIS A 395 10.89 18.67 -17.66
N HIS A 396 10.12 17.79 -17.01
CA HIS A 396 9.99 17.76 -15.53
C HIS A 396 9.91 16.34 -15.00
N VAL A 397 10.79 16.00 -14.09
CA VAL A 397 10.92 14.64 -13.59
C VAL A 397 9.69 14.23 -12.76
N LEU A 398 9.21 15.11 -11.89
CA LEU A 398 8.02 14.74 -11.07
C LEU A 398 6.79 14.49 -11.97
N SER A 399 6.56 15.39 -12.93
CA SER A 399 5.52 15.23 -13.94
C SER A 399 5.66 13.88 -14.64
N GLN A 400 6.89 13.57 -15.03
CA GLN A 400 7.13 12.33 -15.77
C GLN A 400 6.81 11.09 -14.98
N LEU A 401 7.13 11.11 -13.69
CA LEU A 401 6.89 9.92 -12.88
C LEU A 401 5.40 9.67 -12.69
N ILE A 402 4.62 10.74 -12.64
CA ILE A 402 3.19 10.60 -12.39
C ILE A 402 2.37 10.44 -13.68
N TYR A 403 2.67 11.23 -14.73
CA TYR A 403 1.80 11.28 -15.88
C TYR A 403 2.30 10.54 -17.09
N ALA A 404 3.50 10.01 -17.06
CA ALA A 404 4.01 9.31 -18.26
C ALA A 404 4.73 7.97 -18.00
N ALA A 405 5.47 7.83 -16.89
CA ALA A 405 6.19 6.61 -16.62
C ALA A 405 5.25 5.46 -16.43
N GLY A 406 5.57 4.32 -17.04
CA GLY A 406 4.89 3.09 -16.74
C GLY A 406 5.66 2.23 -15.76
N ARG A 407 4.97 1.31 -15.11
CA ARG A 407 5.61 0.49 -14.10
C ARG A 407 6.73 -0.42 -14.64
N HIS A 408 6.73 -0.66 -15.96
CA HIS A 408 7.75 -1.53 -16.53
C HIS A 408 9.06 -0.75 -16.64
N GLN A 409 9.03 0.55 -16.36
CA GLN A 409 10.29 1.30 -16.35
C GLN A 409 11.03 1.17 -15.05
N VAL A 410 10.43 0.53 -14.05
CA VAL A 410 11.19 0.20 -12.84
C VAL A 410 12.29 -0.79 -13.18
N THR A 411 13.54 -0.50 -12.85
CA THR A 411 14.61 -1.45 -13.16
C THR A 411 15.28 -2.07 -11.96
N ASP A 412 15.30 -1.34 -10.86
CA ASP A 412 15.94 -1.86 -9.64
C ASP A 412 15.14 -1.46 -8.40
N VAL A 413 15.11 -2.39 -7.46
CA VAL A 413 14.37 -2.22 -6.22
C VAL A 413 15.17 -2.80 -5.05
N TRP A 414 15.26 -2.02 -3.99
CA TRP A 414 15.88 -2.48 -2.74
C TRP A 414 14.87 -2.29 -1.61
N ILE A 415 14.88 -3.23 -0.67
CA ILE A 415 14.06 -3.15 0.57
C ILE A 415 15.02 -3.38 1.72
N ALA A 416 15.10 -2.38 2.58
CA ALA A 416 16.12 -2.39 3.67
C ALA A 416 17.53 -2.64 3.10
N GLY A 417 17.79 -2.05 1.93
CA GLY A 417 19.07 -2.15 1.28
C GLY A 417 19.36 -3.49 0.62
N LYS A 418 18.42 -4.46 0.66
CA LYS A 418 18.69 -5.75 0.06
C LYS A 418 18.11 -5.71 -1.36
N PRO A 419 18.90 -6.11 -2.37
CA PRO A 419 18.39 -6.11 -3.75
C PRO A 419 17.26 -7.10 -3.93
N LYS A 420 16.11 -6.62 -4.47
CA LYS A 420 14.96 -7.47 -4.72
C LYS A 420 14.73 -7.62 -6.19
N LEU A 421 15.03 -6.57 -6.93
CA LEU A 421 14.86 -6.57 -8.40
C LEU A 421 16.14 -5.97 -8.88
N VAL A 422 16.81 -6.68 -9.79
CA VAL A 422 18.10 -6.24 -10.32
C VAL A 422 18.02 -6.31 -11.84
N GLN A 423 18.06 -5.17 -12.51
CA GLN A 423 17.88 -5.06 -13.96
C GLN A 423 16.67 -5.87 -14.41
N ARG A 424 15.52 -5.58 -13.78
N ARG A 424 15.55 -5.59 -13.74
CA ARG A 424 14.23 -6.22 -14.05
CA ARG A 424 14.25 -6.20 -13.99
C ARG A 424 14.17 -7.69 -13.66
C ARG A 424 14.18 -7.68 -13.68
N GLU A 425 15.27 -8.23 -13.11
CA GLU A 425 15.25 -9.63 -12.70
C GLU A 425 14.89 -9.76 -11.20
N LEU A 426 13.92 -10.62 -10.87
CA LEU A 426 13.57 -10.87 -9.48
C LEU A 426 14.55 -11.83 -8.82
N ILE A 427 15.04 -11.45 -7.65
CA ILE A 427 15.97 -12.26 -6.86
C ILE A 427 15.26 -13.27 -6.00
N ASP A 428 15.71 -14.48 -6.06
CA ASP A 428 15.10 -15.57 -5.30
C ASP A 428 13.62 -15.76 -5.61
N MET A 429 13.18 -15.32 -6.81
CA MET A 429 11.86 -15.68 -7.26
C MET A 429 12.03 -16.21 -8.66
N ASP A 430 11.21 -17.20 -9.00
CA ASP A 430 11.23 -17.74 -10.35
C ASP A 430 9.88 -17.49 -11.03
N THR A 431 9.87 -16.54 -11.97
CA THR A 431 8.62 -16.16 -12.66
C THR A 431 7.92 -17.34 -13.35
N ALA A 432 8.70 -18.27 -13.88
CA ALA A 432 8.07 -19.43 -14.52
C ALA A 432 7.28 -20.29 -13.56
N ALA A 433 7.82 -20.53 -12.34
CA ALA A 433 7.07 -21.30 -11.34
C ALA A 433 5.83 -20.55 -10.88
N LEU A 434 5.97 -19.24 -10.75
CA LEU A 434 4.86 -18.36 -10.36
C LEU A 434 3.70 -18.47 -11.35
N VAL A 435 4.06 -18.43 -12.64
CA VAL A 435 3.06 -18.54 -13.70
C VAL A 435 2.44 -19.93 -13.71
N ALA A 436 3.27 -20.97 -13.58
CA ALA A 436 2.66 -22.30 -13.56
C ALA A 436 1.71 -22.47 -12.39
N ASN A 437 2.09 -21.95 -11.21
CA ASN A 437 1.21 -22.03 -10.07
C ASN A 437 -0.13 -21.30 -10.32
N ALA A 438 -0.06 -20.15 -10.99
CA ALA A 438 -1.26 -19.34 -11.26
C ALA A 438 -2.28 -20.05 -12.20
N ARG A 439 -1.74 -20.78 -13.14
CA ARG A 439 -2.55 -21.62 -14.02
C ARG A 439 -3.26 -22.77 -13.29
N GLN A 440 -2.60 -23.38 -12.29
CA GLN A 440 -3.28 -24.35 -11.45
C GLN A 440 -4.48 -23.75 -10.80
N TRP A 441 -4.27 -22.61 -10.14
CA TRP A 441 -5.37 -21.96 -9.45
C TRP A 441 -6.51 -21.56 -10.39
N ARG A 442 -6.12 -21.20 -11.61
CA ARG A 442 -7.10 -20.83 -12.64
C ARG A 442 -8.04 -22.00 -12.89
N ASP A 443 -7.47 -23.19 -13.05
CA ASP A 443 -8.25 -24.43 -13.22
C ASP A 443 -9.15 -24.83 -12.01
N ARG A 444 -8.64 -24.66 -10.81
CA ARG A 444 -9.39 -24.97 -9.61
C ARG A 444 -10.60 -24.09 -9.47
N ILE A 445 -10.38 -22.78 -9.69
CA ILE A 445 -11.47 -21.84 -9.59
C ILE A 445 -12.54 -22.14 -10.64
N ARG A 446 -12.09 -22.55 -11.83
CA ARG A 446 -12.99 -22.85 -12.95
C ARG A 446 -14.07 -23.89 -12.58
N THR A 447 -13.69 -24.85 -11.75
CA THR A 447 -14.62 -25.89 -11.32
C THR A 447 -15.66 -25.45 -10.27
N VAL A 448 -15.40 -24.38 -9.54
CA VAL A 448 -16.25 -23.98 -8.40
C VAL A 448 -17.75 -23.77 -8.72
MG MG B . -4.82 -0.60 -12.10
C1 GOL C . -3.48 7.40 11.15
O1 GOL C . -3.01 8.69 10.76
C2 GOL C . -2.39 6.39 10.82
O2 GOL C . -1.10 6.92 11.14
C3 GOL C . -2.62 5.05 11.53
O3 GOL C . -1.43 4.28 11.46
C1 GOL D . -19.16 12.29 -12.30
O1 GOL D . -20.38 12.35 -13.00
C2 GOL D . -19.03 13.48 -11.36
O2 GOL D . -20.24 13.70 -10.69
C3 GOL D . -17.92 13.24 -10.34
O3 GOL D . -17.88 14.30 -9.40
ZN ZN E . -10.57 -3.51 0.23
ZN ZN F . -12.43 -3.44 -2.43
OXT UNL G . -12.28 -5.45 -2.63
C UNL G . -12.67 -6.25 -1.76
O UNL G . -13.00 -5.69 -0.71
CH3 UNL G . -12.70 -7.74 -1.95
ZN ZN H . 2.36 -4.04 20.56
#